data_9DGN
#
_entry.id   9DGN
#
_cell.length_a   167.670
_cell.length_b   167.670
_cell.length_c   82.484
_cell.angle_alpha   90.000
_cell.angle_beta   90.000
_cell.angle_gamma   120.000
#
_symmetry.space_group_name_H-M   'H 3'
#
loop_
_entity.id
_entity.type
_entity.pdbx_description
1 polymer "DNA (5'-D(*CP*AP*GP*CP*AP*GP*CP*CP*TP*GP*AP*AP*TP*AP*C)-3')"
2 polymer "DNA (5'-D(P*GP*GP*CP*TP*GP*C)-3')"
3 polymer 'DNA (59-MER)'
4 polymer "DNA (5'-D(*TP*GP*CP*GP*CP*TP*GP*T)-3')"
#
loop_
_entity_poly.entity_id
_entity_poly.type
_entity_poly.pdbx_seq_one_letter_code
_entity_poly.pdbx_strand_id
1 'polydeoxyribonucleotide' (DC)(DA)(DG)(DC)(DA)(DG)(DC)(DC)(DT)(DG)(DA)(DA)(DT)(DA)(DC) A
2 'polydeoxyribonucleotide' (DG)(DG)(DC)(DT)(DG)(DC) B
3 'polydeoxyribonucleotide'
;(DT)(DG)(DC)(DG)(DA)(DG)(DT)(DA)(DT)(DT)(DC)(DA)(DC)(DC)(DG)(DG)(DC)(DC)(DC)(DG)
(DC)(DG)(DG)(DA)(DC)(DA)(DA)(DC)(DT)(DT)(DT)(DT)(DG)(DT)(DT)(DG)(DT)(DC)(DC)(DG)
(DC)(DG)(DG)(DT)(DC)(DG)(DC)(DA)(DG)(DC)(DC)(DG)(DG)(DA)(DC)(DA)(DG)(DC)(DG)
;
C
4 'polydeoxyribonucleotide' (DT)(DG)(DC)(DG)(DC)(DT)(DG)(DT) E
#
loop_
_chem_comp.id
_chem_comp.type
_chem_comp.name
_chem_comp.formula
DA DNA linking 2'-DEOXYADENOSINE-5'-MONOPHOSPHATE 'C10 H14 N5 O6 P'
DC DNA linking 2'-DEOXYCYTIDINE-5'-MONOPHOSPHATE 'C9 H14 N3 O7 P'
DG DNA linking 2'-DEOXYGUANOSINE-5'-MONOPHOSPHATE 'C10 H14 N5 O7 P'
DT DNA linking THYMIDINE-5'-MONOPHOSPHATE 'C10 H15 N2 O8 P'
#